data_9GFD
#
_entry.id   9GFD
#
_cell.length_a   125.824
_cell.length_b   58.044
_cell.length_c   62.472
_cell.angle_alpha   90.000
_cell.angle_beta   94.344
_cell.angle_gamma   90.000
#
_symmetry.space_group_name_H-M   'C 1 2 1'
#
loop_
_entity.id
_entity.type
_entity.pdbx_description
1 polymer 'Fab fragment heavy chain'
2 polymer 'Fab Fragment light chain'
3 non-polymer 1,2-ETHANEDIOL
4 non-polymer HISTIDINE
5 non-polymer 1-[(1~{S},3~{R},4~{R},7~{S})-7-[[(1~{R},3~{R},4~{R},7~{S})-7-[[(1~{R},3~{R},4~{R},7~{S})-3-(6-aminopurin-9-yl)-7-[[(2~{R},3~{S},5~{R})-5-(4-azanyl-2-oxidanylidene-pyrimidin-1-yl)-3-oxidanyl-oxolan-2-yl]methoxy-sulfanyl-phosphoryl]oxy-2,5-dioxabicyclo[2.2.1]heptan-1-yl]methoxy-sulfanyl-phosphoryl]oxy-3-(4-azanyl-5-methyl-2-oxidanylidene-pyrimidin-1-yl)-2,5-dioxabicyclo[2.2.1]heptan-1-yl]methoxy-sulfanyl-phosphoryl]oxy-1-(hydroxymethyl)-2,5-dioxabicyclo[2.2.1]heptan-3-yl]-5-methyl-pyrimidine-2,4-dione
6 water water
#
loop_
_entity_poly.entity_id
_entity_poly.type
_entity_poly.pdbx_seq_one_letter_code
_entity_poly.pdbx_strand_id
1 'polypeptide(L)'
;(PCA)VQLQQSGAELVRPGTSVKVSCKASGYAFTNYLIEWIKQRPGQGLEWIGVINPGSGGTNYNEKFRVKATLTADKSS
STAYMQLSSLTSDDSAVYFCARGGGYYWGQGTLVTVSAASTKGPSVFPLAPSSKSTSGGTAALGCLVKDYFPEPVTVSWN
SGALTSGVHTFPAVLQSSGLYSLSSVVTVPSSSLGTQTYICNVNHKPSNTKVDKKVEPKSCGGGGSEPEA
;
H
2 'polypeptide(L)'
;DIVMTQAAPSVPVTPGESVSISCRSSKSLLHSNGNTYLFWFLQRPGQSPQVLIYRMSNLASGVPDRFSGSGSGTAFTLRI
SRVEAEDVGVYYCMQHLEYPYTFGSGTRLEIKRTVAAPSVFIFPPSDEQLKSGTASVVCLLNNFYPREAKVQWKVDNALQ
SGNSQESVTEQDSKDSTYSLSSTLTLSKADYEKHKVYACEVTHQGLSSPVTKSFNRGEC
;
L
#
loop_
_chem_comp.id
_chem_comp.type
_chem_comp.name
_chem_comp.formula
A1IKZ non-polymer 1-[(1~{S},3~{R},4~{R},7~{S})-7-[[(1~{R},3~{R},4~{R},7~{S})-7-[[(1~{R},3~{R},4~{R},7~{S})-3-(6-aminopurin-9-yl)-7-[[(2~{R},3~{S},5~{R})-5-(4-azanyl-2-oxidanylidene-pyrimidin-1-yl)-3-oxidanyl-oxolan-2-yl]methoxy-sulfanyl-phosphoryl]oxy-2,5-dioxabicyclo[2.2.1]heptan-1-yl]methoxy-sulfanyl-phosphoryl]oxy-3-(4-azanyl-5-methyl-2-oxidanylidene-pyrimidin-1-yl)-2,5-dioxabicyclo[2.2.1]heptan-1-yl]methoxy-sulfanyl-phosphoryl]oxy-1-(hydroxymethyl)-2,5-dioxabicyclo[2.2.1]heptan-3-yl]-5-methyl-pyrimidine-2,4-dione 'C42 H52 N13 O22 P3 S3'
EDO non-polymer 1,2-ETHANEDIOL 'C2 H6 O2'
#
# COMPACT_ATOMS: atom_id res chain seq x y z
N PCA A 1 -17.13 19.64 -9.36
CA PCA A 1 -16.12 18.80 -8.74
CB PCA A 1 -16.76 17.48 -8.33
CG PCA A 1 -18.22 17.94 -8.18
CD PCA A 1 -18.37 19.18 -9.04
OE PCA A 1 -19.43 19.67 -9.39
C PCA A 1 -14.86 18.60 -9.57
O PCA A 1 -14.88 18.04 -10.67
N VAL A 2 -13.74 19.07 -9.03
CA VAL A 2 -12.45 18.94 -9.68
C VAL A 2 -11.96 17.50 -9.71
N GLN A 3 -11.35 17.11 -10.82
CA GLN A 3 -10.71 15.81 -10.93
C GLN A 3 -9.44 15.95 -11.76
N LEU A 4 -8.40 15.23 -11.34
CA LEU A 4 -7.18 15.05 -12.13
C LEU A 4 -7.08 13.57 -12.45
N GLN A 5 -7.17 13.23 -13.73
CA GLN A 5 -7.27 11.83 -14.15
C GLN A 5 -5.97 11.47 -14.86
N GLN A 6 -5.21 10.55 -14.26
CA GLN A 6 -3.94 10.17 -14.83
C GLN A 6 -4.08 8.92 -15.70
N SER A 7 -3.14 8.77 -16.62
CA SER A 7 -3.13 7.63 -17.51
C SER A 7 -2.77 6.36 -16.74
N GLY A 8 -2.99 5.21 -17.40
CA GLY A 8 -2.87 3.94 -16.73
C GLY A 8 -1.43 3.47 -16.56
N ALA A 9 -1.29 2.39 -15.81
CA ALA A 9 0.03 1.87 -15.46
C ALA A 9 0.84 1.53 -16.70
N GLU A 10 2.16 1.67 -16.59
CA GLU A 10 3.09 1.47 -17.70
C GLU A 10 4.10 0.42 -17.31
N LEU A 11 4.32 -0.55 -18.19
CA LEU A 11 5.46 -1.46 -18.12
C LEU A 11 6.35 -1.14 -19.33
N VAL A 12 7.57 -0.67 -19.06
CA VAL A 12 8.43 -0.13 -20.10
C VAL A 12 9.84 -0.64 -19.93
N ARG A 13 10.54 -0.80 -21.06
CA ARG A 13 11.87 -1.38 -21.04
C ARG A 13 12.92 -0.33 -20.66
N PRO A 14 14.01 -0.77 -20.02
CA PRO A 14 15.11 0.14 -19.69
C PRO A 14 15.66 0.78 -20.95
N GLY A 15 16.09 2.03 -20.81
CA GLY A 15 16.66 2.78 -21.91
C GLY A 15 15.66 3.45 -22.82
N THR A 16 14.37 3.23 -22.62
CA THR A 16 13.37 3.88 -23.44
C THR A 16 12.81 5.09 -22.70
N SER A 17 11.75 5.67 -23.25
CA SER A 17 11.07 6.80 -22.65
CA SER A 17 11.06 6.83 -22.71
C SER A 17 9.60 6.44 -22.46
N VAL A 18 8.94 7.18 -21.59
CA VAL A 18 7.51 6.99 -21.37
C VAL A 18 6.89 8.35 -21.08
N LYS A 19 5.65 8.52 -21.51
CA LYS A 19 4.92 9.75 -21.30
C LYS A 19 3.65 9.43 -20.51
N VAL A 20 3.45 10.11 -19.39
CA VAL A 20 2.26 9.95 -18.57
C VAL A 20 1.45 11.24 -18.64
N SER A 21 0.13 11.10 -18.55
CA SER A 21 -0.74 12.25 -18.73
C SER A 21 -1.60 12.48 -17.50
N CYS A 22 -2.12 13.70 -17.41
CA CYS A 22 -2.89 14.15 -16.25
C CYS A 22 -3.94 15.09 -16.82
N LYS A 23 -5.17 14.60 -16.94
CA LYS A 23 -6.26 15.34 -17.58
C LYS A 23 -7.11 16.03 -16.52
N ALA A 24 -7.26 17.34 -16.64
CA ALA A 24 -7.99 18.12 -15.65
C ALA A 24 -9.42 18.33 -16.08
N SER A 25 -10.32 18.25 -15.10
CA SER A 25 -11.72 18.56 -15.32
C SER A 25 -12.26 19.29 -14.10
N GLY A 26 -13.41 19.94 -14.29
CA GLY A 26 -14.06 20.63 -13.19
C GLY A 26 -13.51 22.00 -12.84
N TYR A 27 -12.56 22.52 -13.61
CA TYR A 27 -12.00 23.85 -13.39
C TYR A 27 -11.29 24.28 -14.66
N ALA A 28 -10.89 25.56 -14.69
CA ALA A 28 -10.20 26.14 -15.83
C ALA A 28 -8.72 25.72 -15.79
N PHE A 29 -8.34 24.80 -16.68
CA PHE A 29 -7.02 24.17 -16.65
C PHE A 29 -5.89 25.20 -16.72
N THR A 30 -6.03 26.24 -17.55
CA THR A 30 -4.91 27.15 -17.76
C THR A 30 -4.71 28.17 -16.64
N ASN A 31 -5.57 28.18 -15.63
CA ASN A 31 -5.49 29.16 -14.56
C ASN A 31 -4.75 28.67 -13.32
N TYR A 32 -4.30 27.41 -13.30
CA TYR A 32 -3.67 26.82 -12.13
C TYR A 32 -2.46 26.01 -12.52
N LEU A 33 -1.48 25.97 -11.62
CA LEU A 33 -0.26 25.21 -11.86
C LEU A 33 -0.52 23.71 -11.67
N ILE A 34 0.32 22.90 -12.32
CA ILE A 34 0.33 21.47 -12.14
C ILE A 34 1.72 21.07 -11.67
N GLU A 35 1.78 20.30 -10.59
CA GLU A 35 3.04 19.80 -10.06
C GLU A 35 3.10 18.29 -10.21
N TRP A 36 4.31 17.76 -10.24
CA TRP A 36 4.54 16.33 -10.41
C TRP A 36 5.41 15.79 -9.29
N ILE A 37 5.03 14.62 -8.79
CA ILE A 37 5.59 14.03 -7.58
C ILE A 37 5.88 12.56 -7.84
N LYS A 38 7.02 12.08 -7.36
CA LYS A 38 7.43 10.69 -7.49
C LYS A 38 7.34 9.99 -6.14
N GLN A 39 6.84 8.75 -6.12
CA GLN A 39 6.81 7.97 -4.89
C GLN A 39 7.24 6.54 -5.20
N ARG A 40 8.45 6.18 -4.78
CA ARG A 40 8.88 4.79 -4.90
C ARG A 40 8.05 3.91 -3.97
N PRO A 41 7.86 2.64 -4.33
CA PRO A 41 7.00 1.76 -3.53
C PRO A 41 7.45 1.70 -2.09
N GLY A 42 6.52 1.99 -1.18
CA GLY A 42 6.82 1.94 0.25
C GLY A 42 7.70 3.05 0.76
N GLN A 43 7.98 4.07 -0.05
CA GLN A 43 8.86 5.16 0.34
C GLN A 43 8.09 6.48 0.35
N GLY A 44 8.81 7.58 0.51
CA GLY A 44 8.22 8.89 0.65
C GLY A 44 8.00 9.57 -0.69
N LEU A 45 7.78 10.89 -0.60
CA LEU A 45 7.41 11.70 -1.75
C LEU A 45 8.59 12.57 -2.17
N GLU A 46 8.76 12.73 -3.48
CA GLU A 46 9.84 13.54 -4.04
C GLU A 46 9.23 14.44 -5.12
N TRP A 47 9.60 15.72 -5.10
CA TRP A 47 9.04 16.70 -6.02
C TRP A 47 9.85 16.74 -7.31
N ILE A 48 9.16 16.63 -8.45
CA ILE A 48 9.83 16.62 -9.75
C ILE A 48 9.88 18.00 -10.37
N GLY A 49 8.76 18.71 -10.37
CA GLY A 49 8.71 19.99 -11.03
C GLY A 49 7.29 20.49 -11.13
N VAL A 50 7.16 21.64 -11.80
CA VAL A 50 5.89 22.34 -11.91
C VAL A 50 5.79 22.97 -13.29
N ILE A 51 4.56 23.02 -13.82
CA ILE A 51 4.29 23.70 -15.08
C ILE A 51 3.12 24.66 -14.89
N ASN A 52 3.22 25.83 -15.54
CA ASN A 52 2.11 26.75 -15.71
C ASN A 52 1.47 26.45 -17.06
N PRO A 53 0.31 25.80 -17.10
CA PRO A 53 -0.28 25.43 -18.40
C PRO A 53 -0.67 26.63 -19.25
N GLY A 54 -0.93 27.79 -18.63
CA GLY A 54 -1.32 28.95 -19.41
C GLY A 54 -0.15 29.57 -20.17
N SER A 55 1.04 29.55 -19.57
CA SER A 55 2.22 30.15 -20.18
C SER A 55 3.17 29.14 -20.79
N GLY A 56 3.06 27.87 -20.42
CA GLY A 56 4.06 26.88 -20.77
C GLY A 56 5.31 26.89 -19.91
N GLY A 57 5.42 27.83 -18.97
CA GLY A 57 6.63 27.92 -18.16
C GLY A 57 6.74 26.75 -17.19
N THR A 58 7.99 26.36 -16.94
CA THR A 58 8.28 25.18 -16.14
C THR A 58 9.44 25.45 -15.21
N ASN A 59 9.46 24.72 -14.09
CA ASN A 59 10.61 24.67 -13.22
CA ASN A 59 10.61 24.68 -13.22
C ASN A 59 10.80 23.24 -12.77
N TYR A 60 12.06 22.79 -12.75
CA TYR A 60 12.39 21.41 -12.46
C TYR A 60 13.29 21.32 -11.24
N ASN A 61 13.02 20.33 -10.40
CA ASN A 61 14.03 19.88 -9.47
C ASN A 61 15.27 19.48 -10.25
N GLU A 62 16.43 20.02 -9.86
CA GLU A 62 17.66 19.74 -10.60
C GLU A 62 17.92 18.24 -10.72
N LYS A 63 17.53 17.46 -9.72
CA LYS A 63 17.69 16.00 -9.79
C LYS A 63 16.96 15.39 -10.97
N PHE A 64 15.92 16.03 -11.49
CA PHE A 64 15.12 15.50 -12.58
C PHE A 64 15.29 16.25 -13.88
N ARG A 65 16.19 17.22 -13.94
CA ARG A 65 16.26 18.07 -15.12
C ARG A 65 16.64 17.28 -16.36
N VAL A 66 17.49 16.26 -16.22
CA VAL A 66 17.85 15.40 -17.35
C VAL A 66 16.82 14.33 -17.64
N LYS A 67 16.04 13.92 -16.65
CA LYS A 67 15.10 12.79 -16.67
C LYS A 67 13.72 13.18 -17.19
N ALA A 68 13.22 14.35 -16.82
CA ALA A 68 11.81 14.70 -16.96
C ALA A 68 11.61 15.90 -17.89
N THR A 69 10.52 15.84 -18.67
CA THR A 69 10.07 16.97 -19.47
C THR A 69 8.58 17.16 -19.23
N LEU A 70 8.20 18.37 -18.81
CA LEU A 70 6.81 18.71 -18.53
C LEU A 70 6.26 19.57 -19.66
N THR A 71 5.10 19.18 -20.18
CA THR A 71 4.37 19.93 -21.19
C THR A 71 2.90 19.99 -20.81
N ALA A 72 2.16 20.86 -21.51
CA ALA A 72 0.72 20.96 -21.31
C ALA A 72 0.06 21.24 -22.65
N ASP A 73 -1.12 20.66 -22.86
CA ASP A 73 -1.92 20.85 -24.07
C ASP A 73 -3.20 21.56 -23.63
N LYS A 74 -3.31 22.85 -23.95
CA LYS A 74 -4.48 23.61 -23.54
C LYS A 74 -5.76 23.08 -24.19
N SER A 75 -5.67 22.61 -25.44
CA SER A 75 -6.89 22.22 -26.13
C SER A 75 -7.54 20.99 -25.50
N SER A 76 -6.76 20.12 -24.88
CA SER A 76 -7.30 18.92 -24.25
C SER A 76 -7.26 18.98 -22.73
N SER A 77 -6.81 20.09 -22.15
CA SER A 77 -6.73 20.27 -20.70
C SER A 77 -5.92 19.15 -20.05
N THR A 78 -4.82 18.79 -20.68
CA THR A 78 -4.01 17.67 -20.22
C THR A 78 -2.57 18.14 -20.02
N ALA A 79 -1.99 17.77 -18.89
CA ALA A 79 -0.57 17.94 -18.63
C ALA A 79 0.13 16.60 -18.84
N TYR A 80 1.38 16.67 -19.30
CA TYR A 80 2.15 15.48 -19.62
C TYR A 80 3.50 15.55 -18.94
N MET A 81 3.98 14.38 -18.53
CA MET A 81 5.35 14.22 -18.07
C MET A 81 6.01 13.10 -18.85
N GLN A 82 7.12 13.42 -19.50
CA GLN A 82 7.92 12.43 -20.20
C GLN A 82 9.14 12.12 -19.36
N LEU A 83 9.43 10.84 -19.16
CA LEU A 83 10.63 10.37 -18.47
C LEU A 83 11.52 9.68 -19.49
N SER A 84 12.77 10.14 -19.62
CA SER A 84 13.68 9.59 -20.61
CA SER A 84 13.71 9.64 -20.61
C SER A 84 14.73 8.70 -19.96
N SER A 85 15.41 7.92 -20.81
CA SER A 85 16.56 7.11 -20.40
C SER A 85 16.23 6.25 -19.18
N LEU A 86 15.14 5.49 -19.29
CA LEU A 86 14.57 4.84 -18.11
C LEU A 86 15.50 3.78 -17.53
N THR A 87 15.55 3.73 -16.19
CA THR A 87 16.21 2.66 -15.47
C THR A 87 15.29 2.21 -14.35
N SER A 88 15.68 1.10 -13.70
CA SER A 88 14.88 0.61 -12.58
C SER A 88 14.74 1.64 -11.47
N ASP A 89 15.66 2.61 -11.40
CA ASP A 89 15.53 3.70 -10.44
C ASP A 89 14.29 4.55 -10.71
N ASP A 90 13.73 4.48 -11.91
CA ASP A 90 12.53 5.25 -12.24
C ASP A 90 11.23 4.51 -11.95
N SER A 91 11.30 3.25 -11.53
CA SER A 91 10.09 2.52 -11.19
C SER A 91 9.47 3.12 -9.94
N ALA A 92 8.23 3.58 -10.05
CA ALA A 92 7.60 4.35 -8.97
C ALA A 92 6.17 4.66 -9.38
N VAL A 93 5.40 5.18 -8.43
CA VAL A 93 4.14 5.83 -8.75
C VAL A 93 4.41 7.32 -8.94
N TYR A 94 3.86 7.87 -10.01
CA TYR A 94 4.02 9.30 -10.30
C TYR A 94 2.66 9.96 -10.17
N PHE A 95 2.62 11.04 -9.39
CA PHE A 95 1.39 11.79 -9.19
C PHE A 95 1.48 13.14 -9.89
N CYS A 96 0.34 13.60 -10.39
CA CYS A 96 0.17 15.01 -10.65
C CYS A 96 -0.70 15.61 -9.56
N ALA A 97 -0.52 16.92 -9.34
CA ALA A 97 -1.32 17.61 -8.34
C ALA A 97 -1.48 19.04 -8.79
N ARG A 98 -2.67 19.61 -8.57
CA ARG A 98 -2.82 21.02 -8.82
C ARG A 98 -2.02 21.80 -7.79
N GLY A 99 -1.51 22.96 -8.18
CA GLY A 99 -0.63 23.76 -7.33
C GLY A 99 -1.08 23.84 -5.89
N GLY A 100 -0.19 23.55 -4.95
CA GLY A 100 -0.52 23.58 -3.54
C GLY A 100 -0.92 22.25 -2.94
N GLY A 101 -1.35 21.29 -3.75
CA GLY A 101 -1.62 19.95 -3.25
C GLY A 101 -2.97 19.73 -2.61
N TYR A 102 -3.98 20.52 -2.95
CA TYR A 102 -5.32 20.14 -2.52
C TYR A 102 -5.90 19.05 -3.41
N TYR A 103 -5.71 19.17 -4.72
CA TYR A 103 -6.26 18.22 -5.68
C TYR A 103 -5.12 17.39 -6.27
N TRP A 104 -5.25 16.07 -6.19
CA TRP A 104 -4.24 15.14 -6.67
C TRP A 104 -4.84 14.18 -7.68
N GLY A 105 -4.03 13.79 -8.66
CA GLY A 105 -4.32 12.62 -9.47
C GLY A 105 -4.26 11.34 -8.66
N GLN A 106 -4.75 10.26 -9.26
CA GLN A 106 -4.76 8.97 -8.59
C GLN A 106 -3.43 8.25 -8.66
N GLY A 107 -2.47 8.79 -9.40
CA GLY A 107 -1.17 8.16 -9.54
C GLY A 107 -1.11 7.27 -10.76
N THR A 108 0.11 7.15 -11.32
CA THR A 108 0.40 6.24 -12.42
C THR A 108 1.60 5.40 -12.01
N LEU A 109 1.42 4.09 -11.95
CA LEU A 109 2.53 3.20 -11.65
C LEU A 109 3.35 2.99 -12.91
N VAL A 110 4.66 3.21 -12.81
CA VAL A 110 5.59 2.93 -13.91
C VAL A 110 6.55 1.87 -13.42
N THR A 111 6.63 0.76 -14.14
CA THR A 111 7.58 -0.31 -13.86
C THR A 111 8.56 -0.38 -15.03
N VAL A 112 9.83 -0.20 -14.74
CA VAL A 112 10.88 -0.26 -15.77
C VAL A 112 11.53 -1.62 -15.64
N SER A 113 11.36 -2.47 -16.66
CA SER A 113 11.86 -3.83 -16.57
C SER A 113 11.94 -4.42 -17.97
N ALA A 114 12.93 -5.29 -18.16
CA ALA A 114 13.04 -6.09 -19.38
C ALA A 114 12.30 -7.40 -19.28
N ALA A 115 11.78 -7.76 -18.10
CA ALA A 115 11.10 -9.03 -17.93
C ALA A 115 9.75 -9.04 -18.62
N SER A 116 9.33 -10.24 -19.04
CA SER A 116 8.07 -10.40 -19.75
C SER A 116 6.91 -10.44 -18.77
N THR A 117 5.75 -9.99 -19.24
CA THR A 117 4.52 -10.13 -18.48
C THR A 117 4.17 -11.60 -18.32
N LYS A 118 3.68 -11.96 -17.14
CA LYS A 118 3.12 -13.29 -16.93
C LYS A 118 1.86 -13.18 -16.08
N GLY A 119 0.82 -13.90 -16.48
CA GLY A 119 -0.42 -13.89 -15.73
C GLY A 119 -0.36 -14.91 -14.61
N PRO A 120 -1.08 -14.65 -13.54
CA PRO A 120 -1.02 -15.53 -12.36
C PRO A 120 -1.93 -16.74 -12.53
N SER A 121 -1.62 -17.77 -11.75
CA SER A 121 -2.60 -18.79 -11.40
C SER A 121 -3.31 -18.36 -10.13
N VAL A 122 -4.56 -18.78 -9.99
CA VAL A 122 -5.37 -18.46 -8.83
C VAL A 122 -5.82 -19.77 -8.20
N PHE A 123 -5.44 -19.99 -6.95
CA PHE A 123 -5.74 -21.22 -6.24
C PHE A 123 -6.58 -20.91 -5.01
N PRO A 124 -7.52 -21.79 -4.67
CA PRO A 124 -8.35 -21.54 -3.50
C PRO A 124 -7.61 -21.87 -2.21
N LEU A 125 -7.87 -21.08 -1.19
CA LEU A 125 -7.49 -21.40 0.19
C LEU A 125 -8.80 -21.82 0.87
N ALA A 126 -9.07 -23.12 0.84
CA ALA A 126 -10.39 -23.63 1.17
C ALA A 126 -10.60 -23.60 2.68
N PRO A 127 -11.79 -23.20 3.14
CA PRO A 127 -12.08 -23.28 4.56
C PRO A 127 -12.27 -24.73 4.98
N SER A 128 -11.71 -25.07 6.13
CA SER A 128 -11.76 -26.42 6.68
C SER A 128 -11.85 -26.30 8.20
N SER A 129 -11.73 -27.43 8.89
CA SER A 129 -11.68 -27.38 10.35
C SER A 129 -10.41 -26.70 10.85
N LYS A 130 -9.33 -26.73 10.05
CA LYS A 130 -8.07 -26.08 10.38
C LYS A 130 -8.09 -24.58 10.12
N SER A 131 -9.21 -24.06 9.62
CA SER A 131 -9.42 -22.62 9.45
C SER A 131 -10.79 -22.19 9.98
N THR A 132 -11.27 -22.84 11.04
CA THR A 132 -12.57 -22.53 11.62
C THR A 132 -12.47 -22.55 13.14
N SER A 133 -12.83 -21.44 13.79
CA SER A 133 -12.74 -21.34 15.24
C SER A 133 -13.84 -20.42 15.77
N GLY A 134 -14.55 -20.88 16.79
CA GLY A 134 -15.57 -20.08 17.44
C GLY A 134 -16.63 -19.54 16.51
N GLY A 135 -17.04 -20.34 15.53
CA GLY A 135 -18.07 -19.91 14.60
C GLY A 135 -17.60 -19.06 13.46
N THR A 136 -16.29 -18.82 13.35
CA THR A 136 -15.70 -18.04 12.26
C THR A 136 -14.80 -18.96 11.44
N ALA A 137 -14.95 -18.88 10.11
CA ALA A 137 -14.11 -19.63 9.20
C ALA A 137 -13.30 -18.63 8.38
N ALA A 138 -12.08 -19.00 8.05
CA ALA A 138 -11.23 -18.23 7.15
C ALA A 138 -11.11 -18.96 5.82
N LEU A 139 -11.15 -18.21 4.72
CA LEU A 139 -10.95 -18.75 3.39
C LEU A 139 -10.24 -17.68 2.58
N GLY A 140 -9.81 -18.02 1.38
CA GLY A 140 -9.14 -17.04 0.58
C GLY A 140 -8.72 -17.58 -0.77
N CYS A 141 -7.87 -16.81 -1.43
CA CYS A 141 -7.33 -17.16 -2.73
CA CYS A 141 -7.29 -17.26 -2.68
C CYS A 141 -5.86 -16.79 -2.78
N LEU A 142 -5.05 -17.66 -3.37
CA LEU A 142 -3.63 -17.43 -3.57
C LEU A 142 -3.44 -17.07 -5.04
N VAL A 143 -2.86 -15.90 -5.30
CA VAL A 143 -2.65 -15.39 -6.64
C VAL A 143 -1.16 -15.49 -6.91
N LYS A 144 -0.74 -16.53 -7.64
CA LYS A 144 0.66 -16.93 -7.67
C LYS A 144 1.30 -16.70 -9.03
N ASP A 145 2.50 -16.15 -9.00
CA ASP A 145 3.45 -16.14 -10.12
C ASP A 145 3.00 -15.19 -11.22
N TYR A 146 3.01 -13.89 -10.95
CA TYR A 146 2.65 -12.91 -11.97
C TYR A 146 3.72 -11.82 -12.04
N PHE A 147 3.70 -11.10 -13.16
CA PHE A 147 4.57 -9.95 -13.35
C PHE A 147 3.96 -9.10 -14.46
N PRO A 148 3.96 -7.77 -14.33
CA PRO A 148 4.42 -6.98 -13.19
C PRO A 148 3.26 -6.74 -12.22
N GLU A 149 3.47 -5.91 -11.21
CA GLU A 149 2.37 -5.41 -10.41
C GLU A 149 1.48 -4.51 -11.28
N PRO A 150 0.22 -4.32 -10.88
CA PRO A 150 -0.44 -4.83 -9.68
C PRO A 150 -1.47 -5.89 -10.00
N VAL A 151 -2.02 -6.50 -8.95
CA VAL A 151 -3.20 -7.34 -9.02
C VAL A 151 -4.25 -6.70 -8.13
N THR A 152 -5.51 -6.77 -8.53
CA THR A 152 -6.59 -6.38 -7.64
C THR A 152 -7.44 -7.61 -7.36
N VAL A 153 -7.98 -7.65 -6.14
CA VAL A 153 -8.87 -8.73 -5.71
C VAL A 153 -10.11 -8.10 -5.09
N SER A 154 -11.27 -8.59 -5.49
CA SER A 154 -12.50 -8.34 -4.77
C SER A 154 -13.13 -9.67 -4.41
N TRP A 155 -14.17 -9.62 -3.58
CA TRP A 155 -14.90 -10.82 -3.20
C TRP A 155 -16.38 -10.65 -3.53
N ASN A 156 -16.95 -11.65 -4.18
CA ASN A 156 -18.38 -11.65 -4.54
C ASN A 156 -18.74 -10.40 -5.32
N SER A 157 -17.87 -10.05 -6.30
CA SER A 157 -18.05 -8.90 -7.17
C SER A 157 -18.15 -7.59 -6.40
N GLY A 158 -17.49 -7.52 -5.25
CA GLY A 158 -17.50 -6.32 -4.43
C GLY A 158 -18.58 -6.28 -3.37
N ALA A 159 -19.47 -7.27 -3.33
CA ALA A 159 -20.52 -7.31 -2.32
C ALA A 159 -19.99 -7.72 -0.96
N LEU A 160 -18.82 -8.34 -0.90
CA LEU A 160 -18.25 -8.80 0.35
C LEU A 160 -16.99 -7.98 0.59
N THR A 161 -17.00 -7.17 1.66
CA THR A 161 -15.85 -6.33 2.00
C THR A 161 -15.48 -6.47 3.47
N SER A 162 -16.46 -6.70 4.34
CA SER A 162 -16.18 -6.87 5.76
CA SER A 162 -16.20 -6.88 5.76
C SER A 162 -15.35 -8.12 5.99
N GLY A 163 -14.29 -7.98 6.77
CA GLY A 163 -13.43 -9.11 7.08
C GLY A 163 -12.43 -9.50 6.00
N VAL A 164 -12.39 -8.77 4.89
CA VAL A 164 -11.44 -9.06 3.81
C VAL A 164 -10.09 -8.46 4.15
N HIS A 165 -9.02 -9.23 3.93
CA HIS A 165 -7.66 -8.72 3.99
C HIS A 165 -6.96 -9.19 2.71
N THR A 166 -6.63 -8.25 1.84
CA THR A 166 -5.83 -8.56 0.67
C THR A 166 -4.41 -8.10 0.97
N PHE A 167 -3.46 -9.04 0.93
CA PHE A 167 -2.12 -8.77 1.42
C PHE A 167 -1.30 -8.08 0.33
N PRO A 168 -0.35 -7.24 0.74
CA PRO A 168 0.63 -6.74 -0.23
C PRO A 168 1.31 -7.90 -0.92
N ALA A 169 1.57 -7.73 -2.21
CA ALA A 169 2.28 -8.76 -2.94
C ALA A 169 3.70 -8.92 -2.40
N VAL A 170 4.25 -10.10 -2.59
CA VAL A 170 5.66 -10.34 -2.31
C VAL A 170 6.34 -10.68 -3.62
N LEU A 171 7.61 -10.31 -3.73
CA LEU A 171 8.42 -10.70 -4.88
C LEU A 171 9.13 -12.00 -4.51
N GLN A 172 8.80 -13.07 -5.23
CA GLN A 172 9.39 -14.36 -4.93
C GLN A 172 10.82 -14.44 -5.48
N SER A 173 11.55 -15.44 -5.01
CA SER A 173 12.93 -15.63 -5.46
C SER A 173 13.02 -15.83 -6.96
N SER A 174 11.94 -16.28 -7.60
CA SER A 174 11.89 -16.45 -9.04
C SER A 174 11.79 -15.14 -9.80
N GLY A 175 11.57 -14.02 -9.12
CA GLY A 175 11.30 -12.76 -9.80
C GLY A 175 9.84 -12.54 -10.17
N LEU A 176 8.95 -13.43 -9.79
CA LEU A 176 7.53 -13.24 -10.02
C LEU A 176 6.87 -12.88 -8.70
N TYR A 177 5.80 -12.10 -8.78
CA TYR A 177 5.06 -11.74 -7.59
C TYR A 177 4.01 -12.79 -7.23
N SER A 178 3.61 -12.77 -5.98
CA SER A 178 2.50 -13.57 -5.47
CA SER A 178 2.49 -13.56 -5.49
C SER A 178 1.81 -12.78 -4.38
N LEU A 179 0.49 -12.99 -4.27
CA LEU A 179 -0.22 -12.41 -3.14
C LEU A 179 -1.36 -13.35 -2.76
N SER A 180 -1.92 -13.13 -1.58
CA SER A 180 -3.13 -13.81 -1.16
CA SER A 180 -3.13 -13.80 -1.19
C SER A 180 -4.14 -12.78 -0.69
N SER A 181 -5.41 -13.17 -0.77
CA SER A 181 -6.51 -12.39 -0.22
C SER A 181 -7.34 -13.36 0.60
N VAL A 182 -7.68 -12.98 1.82
CA VAL A 182 -8.45 -13.84 2.70
C VAL A 182 -9.66 -13.08 3.21
N VAL A 183 -10.63 -13.84 3.71
CA VAL A 183 -11.80 -13.26 4.33
C VAL A 183 -12.26 -14.20 5.45
N THR A 184 -12.70 -13.62 6.56
CA THR A 184 -13.35 -14.40 7.61
C THR A 184 -14.86 -14.20 7.54
N VAL A 185 -15.59 -15.31 7.64
CA VAL A 185 -17.04 -15.30 7.49
C VAL A 185 -17.65 -16.18 8.57
N PRO A 186 -18.97 -16.13 8.79
CA PRO A 186 -19.57 -17.10 9.71
C PRO A 186 -19.43 -18.52 9.16
N SER A 187 -18.96 -19.43 10.02
CA SER A 187 -18.83 -20.81 9.59
C SER A 187 -20.18 -21.41 9.20
N SER A 188 -21.28 -20.94 9.81
CA SER A 188 -22.60 -21.38 9.42
C SER A 188 -22.97 -20.97 7.99
N SER A 189 -22.23 -20.06 7.37
CA SER A 189 -22.52 -19.66 6.00
C SER A 189 -21.81 -20.52 4.95
N LEU A 190 -20.95 -21.44 5.37
CA LEU A 190 -20.13 -22.14 4.38
C LEU A 190 -20.97 -23.03 3.47
N GLY A 191 -22.10 -23.55 3.96
CA GLY A 191 -22.94 -24.37 3.12
C GLY A 191 -23.96 -23.62 2.30
N THR A 192 -24.22 -22.35 2.62
CA THR A 192 -25.32 -21.60 2.01
C THR A 192 -24.89 -20.39 1.18
N GLN A 193 -23.64 -19.93 1.30
CA GLN A 193 -23.19 -18.74 0.60
C GLN A 193 -22.03 -19.10 -0.31
N THR A 194 -22.13 -18.69 -1.58
CA THR A 194 -21.03 -18.86 -2.52
C THR A 194 -20.01 -17.75 -2.29
N TYR A 195 -18.74 -18.14 -2.17
CA TYR A 195 -17.64 -17.20 -2.02
C TYR A 195 -16.75 -17.29 -3.25
N ILE A 196 -16.61 -16.16 -3.95
CA ILE A 196 -15.82 -16.07 -5.17
C ILE A 196 -14.82 -14.94 -5.00
N CYS A 197 -13.56 -15.20 -5.30
CA CYS A 197 -12.57 -14.14 -5.37
CA CYS A 197 -12.59 -14.13 -5.36
C CYS A 197 -12.42 -13.71 -6.82
N ASN A 198 -12.58 -12.42 -7.07
CA ASN A 198 -12.45 -11.85 -8.41
C ASN A 198 -11.06 -11.26 -8.52
N VAL A 199 -10.22 -11.89 -9.34
CA VAL A 199 -8.81 -11.52 -9.48
C VAL A 199 -8.64 -10.86 -10.84
N ASN A 200 -7.98 -9.70 -10.87
CA ASN A 200 -7.67 -9.02 -12.12
C ASN A 200 -6.18 -8.71 -12.14
N HIS A 201 -5.49 -9.18 -13.17
CA HIS A 201 -4.12 -8.80 -13.45
C HIS A 201 -4.15 -8.15 -14.83
N LYS A 202 -4.35 -6.84 -14.86
CA LYS A 202 -4.48 -6.12 -16.12
C LYS A 202 -3.32 -6.33 -17.08
N PRO A 203 -2.04 -6.33 -16.65
CA PRO A 203 -0.94 -6.44 -17.63
C PRO A 203 -1.00 -7.69 -18.49
N SER A 204 -1.55 -8.80 -17.98
CA SER A 204 -1.67 -10.02 -18.75
C SER A 204 -3.10 -10.28 -19.22
N ASN A 205 -3.99 -9.30 -19.02
CA ASN A 205 -5.42 -9.47 -19.32
C ASN A 205 -6.01 -10.70 -18.63
N THR A 206 -5.50 -11.02 -17.45
CA THR A 206 -6.02 -12.14 -16.67
C THR A 206 -7.16 -11.68 -15.79
N LYS A 207 -8.31 -12.32 -15.94
CA LYS A 207 -9.45 -12.08 -15.08
C LYS A 207 -9.98 -13.45 -14.69
N VAL A 208 -9.94 -13.75 -13.40
CA VAL A 208 -10.34 -15.05 -12.88
C VAL A 208 -11.34 -14.82 -11.76
N ASP A 209 -12.48 -15.52 -11.83
CA ASP A 209 -13.45 -15.53 -10.75
C ASP A 209 -13.45 -16.95 -10.20
N LYS A 210 -12.76 -17.14 -9.09
CA LYS A 210 -12.53 -18.48 -8.55
C LYS A 210 -13.48 -18.71 -7.38
N LYS A 211 -14.31 -19.74 -7.49
CA LYS A 211 -15.16 -20.12 -6.36
CA LYS A 211 -15.16 -20.12 -6.36
C LYS A 211 -14.32 -20.91 -5.35
N VAL A 212 -14.42 -20.53 -4.09
CA VAL A 212 -13.66 -21.18 -3.03
C VAL A 212 -14.64 -22.07 -2.27
N GLU A 213 -14.53 -23.38 -2.48
CA GLU A 213 -15.41 -24.42 -1.93
C GLU A 213 -14.88 -24.90 -0.59
N PRO A 214 -15.75 -25.09 0.39
CA PRO A 214 -15.32 -25.76 1.62
C PRO A 214 -14.81 -27.15 1.30
N LYS A 215 -13.83 -27.60 2.06
CA LYS A 215 -13.40 -28.98 1.92
C LYS A 215 -13.57 -29.78 3.20
N ASP B 1 19.49 23.03 -1.42
CA ASP B 1 18.05 22.86 -1.22
C ASP B 1 17.70 23.03 0.23
N ILE B 2 16.40 23.13 0.53
CA ILE B 2 15.94 23.16 1.91
C ILE B 2 15.62 21.73 2.34
N VAL B 3 16.28 21.27 3.40
CA VAL B 3 16.10 19.91 3.91
C VAL B 3 14.99 19.93 4.94
N MET B 4 14.01 19.02 4.78
CA MET B 4 12.92 18.84 5.73
C MET B 4 13.17 17.58 6.54
N THR B 5 13.12 17.70 7.87
CA THR B 5 13.43 16.61 8.78
C THR B 5 12.22 16.28 9.63
N GLN B 6 11.82 15.00 9.64
CA GLN B 6 10.83 14.49 10.58
C GLN B 6 11.54 13.46 11.44
N ALA B 7 11.81 13.85 12.69
CA ALA B 7 12.70 13.06 13.54
C ALA B 7 12.07 11.75 14.01
N ALA B 8 10.74 11.65 14.03
CA ALA B 8 10.09 10.42 14.48
C ALA B 8 9.51 9.69 13.28
N PRO B 9 9.91 8.44 13.02
CA PRO B 9 9.33 7.71 11.90
C PRO B 9 7.92 7.24 12.18
N SER B 10 7.52 7.18 13.44
CA SER B 10 6.16 6.82 13.81
C SER B 10 5.89 7.39 15.20
N VAL B 11 4.62 7.64 15.48
CA VAL B 11 4.21 8.06 16.81
CA VAL B 11 4.18 8.09 16.81
C VAL B 11 2.95 7.29 17.19
N PRO B 12 2.85 6.77 18.42
CA PRO B 12 1.67 6.00 18.81
C PRO B 12 0.69 6.87 19.57
N VAL B 13 -0.60 6.58 19.46
CA VAL B 13 -1.63 7.37 20.14
C VAL B 13 -2.87 6.50 20.33
N THR B 14 -3.49 6.65 21.50
CA THR B 14 -4.77 6.01 21.80
C THR B 14 -5.91 6.88 21.27
N PRO B 15 -6.92 6.28 20.62
CA PRO B 15 -8.02 7.08 20.10
C PRO B 15 -8.63 7.93 21.20
N GLY B 16 -9.04 9.15 20.82
CA GLY B 16 -9.54 10.11 21.78
C GLY B 16 -8.48 10.97 22.43
N GLU B 17 -7.22 10.55 22.40
CA GLU B 17 -6.15 11.38 22.93
C GLU B 17 -5.56 12.25 21.81
N SER B 18 -4.62 13.11 22.19
CA SER B 18 -3.99 14.00 21.24
C SER B 18 -2.56 13.55 20.96
N VAL B 19 -2.07 13.93 19.80
CA VAL B 19 -0.71 13.57 19.40
C VAL B 19 -0.10 14.73 18.62
N SER B 20 1.21 14.87 18.73
CA SER B 20 1.96 15.89 18.02
C SER B 20 2.97 15.21 17.10
N ILE B 21 3.05 15.71 15.87
CA ILE B 21 4.04 15.25 14.90
C ILE B 21 4.94 16.42 14.54
N SER B 22 6.24 16.23 14.66
CA SER B 22 7.24 17.27 14.49
C SER B 22 7.89 17.26 13.11
N CYS B 23 8.29 18.44 12.67
CA CYS B 23 9.04 18.63 11.44
C CYS B 23 9.98 19.82 11.66
N ARG B 24 11.12 19.81 10.97
CA ARG B 24 12.05 20.92 11.00
C ARG B 24 12.53 21.18 9.58
N SER B 25 12.96 22.42 9.32
CA SER B 25 13.56 22.78 8.05
C SER B 25 14.97 23.32 8.29
N SER B 26 15.81 23.17 7.27
CA SER B 26 17.19 23.63 7.33
C SER B 26 17.31 25.12 7.00
N LYS B 27 16.21 25.79 6.71
CA LYS B 27 16.16 27.22 6.44
C LYS B 27 14.77 27.69 6.85
N SER B 28 14.68 28.92 7.35
CA SER B 28 13.38 29.48 7.64
C SER B 28 12.47 29.45 6.42
N LEU B 29 11.24 29.03 6.64
CA LEU B 29 10.23 29.00 5.58
C LEU B 29 9.41 30.28 5.54
N LEU B 30 9.80 31.28 6.33
CA LEU B 30 9.08 32.53 6.35
C LEU B 30 9.38 33.34 5.09
N HIS B 31 8.33 33.89 4.49
CA HIS B 31 8.44 34.77 3.34
C HIS B 31 8.24 36.20 3.81
N SER B 32 8.73 37.15 3.01
CA SER B 32 8.51 38.55 3.37
C SER B 32 7.03 38.94 3.39
N ASN B 33 6.17 38.17 2.71
CA ASN B 33 4.73 38.46 2.80
C ASN B 33 4.13 38.05 4.14
N GLY B 34 4.93 37.48 5.05
CA GLY B 34 4.50 37.11 6.38
C GLY B 34 4.07 35.68 6.54
N ASN B 35 3.85 34.96 5.43
CA ASN B 35 3.44 33.57 5.53
C ASN B 35 4.66 32.67 5.63
N THR B 36 4.48 31.56 6.34
CA THR B 36 5.50 30.52 6.46
C THR B 36 5.03 29.35 5.60
N TYR B 37 5.83 29.00 4.59
CA TYR B 37 5.37 28.11 3.51
C TYR B 37 5.65 26.64 3.85
N LEU B 38 5.00 26.20 4.93
CA LEU B 38 5.05 24.82 5.42
C LEU B 38 3.68 24.20 5.22
N PHE B 39 3.64 23.02 4.62
CA PHE B 39 2.39 22.32 4.37
C PHE B 39 2.45 20.93 5.00
N TRP B 40 1.32 20.47 5.52
CA TRP B 40 1.21 19.12 6.07
C TRP B 40 0.25 18.31 5.21
N PHE B 41 0.63 17.07 4.93
CA PHE B 41 -0.17 16.14 4.15
C PHE B 41 -0.34 14.83 4.90
N LEU B 42 -1.47 14.17 4.64
CA LEU B 42 -1.71 12.82 5.08
C LEU B 42 -1.77 11.93 3.85
N GLN B 43 -1.15 10.75 3.95
CA GLN B 43 -1.35 9.73 2.92
C GLN B 43 -1.84 8.46 3.61
N ARG B 44 -3.08 8.10 3.32
CA ARG B 44 -3.62 6.87 3.84
C ARG B 44 -3.18 5.71 2.95
N PRO B 45 -3.18 4.50 3.48
CA PRO B 45 -2.70 3.35 2.70
C PRO B 45 -3.49 3.21 1.40
N GLY B 46 -2.75 3.08 0.29
CA GLY B 46 -3.37 2.88 -1.00
C GLY B 46 -4.06 4.09 -1.59
N GLN B 47 -3.75 5.29 -1.13
CA GLN B 47 -4.41 6.50 -1.60
C GLN B 47 -3.39 7.56 -1.98
N SER B 48 -3.86 8.57 -2.71
CA SER B 48 -3.03 9.73 -2.97
C SER B 48 -2.93 10.59 -1.71
N PRO B 49 -1.86 11.36 -1.56
CA PRO B 49 -1.79 12.28 -0.42
C PRO B 49 -2.92 13.29 -0.45
N GLN B 50 -3.20 13.88 0.71
CA GLN B 50 -4.20 14.92 0.83
C GLN B 50 -3.70 15.97 1.81
N VAL B 51 -3.99 17.23 1.50
CA VAL B 51 -3.48 18.33 2.31
C VAL B 51 -4.31 18.46 3.59
N LEU B 52 -3.63 18.83 4.66
CA LEU B 52 -4.26 19.08 5.95
C LEU B 52 -4.12 20.54 6.37
N ILE B 53 -2.90 21.07 6.27
CA ILE B 53 -2.56 22.40 6.76
C ILE B 53 -1.82 23.09 5.64
N TYR B 54 -2.20 24.33 5.34
CA TYR B 54 -1.46 25.14 4.37
C TYR B 54 -0.86 26.36 5.05
N ARG B 55 0.31 26.76 4.55
CA ARG B 55 1.03 27.92 5.11
C ARG B 55 1.10 27.85 6.64
N MET B 56 1.55 26.69 7.12
CA MET B 56 1.98 26.45 8.50
C MET B 56 0.84 26.26 9.50
N SER B 57 -0.15 27.13 9.49
CA SER B 57 -1.09 27.19 10.60
C SER B 57 -2.54 27.31 10.16
N ASN B 58 -2.83 27.14 8.87
CA ASN B 58 -4.18 27.32 8.34
C ASN B 58 -4.79 25.96 7.99
N LEU B 59 -6.00 25.72 8.48
CA LEU B 59 -6.69 24.46 8.23
C LEU B 59 -7.23 24.44 6.81
N ALA B 60 -6.87 23.41 6.04
CA ALA B 60 -7.35 23.31 4.68
C ALA B 60 -8.85 23.03 4.66
N SER B 61 -9.50 23.50 3.61
CA SER B 61 -10.96 23.41 3.50
CA SER B 61 -10.96 23.41 3.52
C SER B 61 -11.43 21.96 3.59
N GLY B 62 -12.40 21.70 4.45
CA GLY B 62 -12.95 20.37 4.62
C GLY B 62 -12.17 19.46 5.54
N VAL B 63 -11.02 19.89 6.04
CA VAL B 63 -10.26 19.07 6.97
C VAL B 63 -10.85 19.23 8.36
N PRO B 64 -10.98 18.16 9.13
CA PRO B 64 -11.57 18.26 10.48
C PRO B 64 -10.82 19.22 11.39
N ASP B 65 -11.60 19.91 12.23
CA ASP B 65 -11.10 20.90 13.18
C ASP B 65 -10.07 20.33 14.15
N ARG B 66 -10.03 19.00 14.31
CA ARG B 66 -9.11 18.37 15.25
CA ARG B 66 -9.11 18.31 15.21
C ARG B 66 -7.66 18.46 14.78
N PHE B 67 -7.41 18.87 13.54
CA PHE B 67 -6.07 19.02 13.00
C PHE B 67 -5.67 20.49 13.11
N SER B 68 -4.48 20.75 13.63
CA SER B 68 -3.99 22.11 13.72
C SER B 68 -2.49 22.13 13.51
N GLY B 69 -2.00 23.25 13.03
CA GLY B 69 -0.57 23.40 12.77
C GLY B 69 -0.04 24.66 13.44
N SER B 70 1.19 24.57 13.92
CA SER B 70 1.87 25.70 14.53
C SER B 70 3.36 25.59 14.23
N GLY B 71 4.10 26.62 14.58
CA GLY B 71 5.55 26.51 14.44
C GLY B 71 6.23 27.86 14.43
N SER B 72 7.55 27.78 14.46
CA SER B 72 8.43 28.92 14.19
C SER B 72 8.66 28.94 12.68
N GLY B 73 9.69 29.61 12.23
CA GLY B 73 10.00 29.48 10.82
C GLY B 73 10.75 28.21 10.46
N THR B 74 11.24 27.47 11.46
CA THR B 74 12.12 26.32 11.24
C THR B 74 11.70 25.06 11.98
N ALA B 75 10.71 25.11 12.86
CA ALA B 75 10.31 23.94 13.63
C ALA B 75 8.80 23.98 13.68
N PHE B 76 8.16 22.86 13.35
CA PHE B 76 6.72 22.87 13.12
C PHE B 76 6.09 21.65 13.78
N THR B 77 4.82 21.80 14.17
CA THR B 77 4.09 20.73 14.83
C THR B 77 2.71 20.61 14.23
N LEU B 78 2.36 19.41 13.79
CA LEU B 78 0.99 19.09 13.46
C LEU B 78 0.38 18.43 14.69
N ARG B 79 -0.69 19.02 15.21
CA ARG B 79 -1.35 18.51 16.39
C ARG B 79 -2.66 17.89 15.93
N ILE B 80 -2.88 16.65 16.32
CA ILE B 80 -4.14 15.98 16.06
C ILE B 80 -4.78 15.76 17.43
N SER B 81 -5.83 16.51 17.71
CA SER B 81 -6.57 16.25 18.94
C SER B 81 -7.67 15.24 18.64
N ARG B 82 -8.12 14.55 19.69
CA ARG B 82 -9.24 13.63 19.58
C ARG B 82 -9.02 12.66 18.43
N VAL B 83 -7.86 11.99 18.44
CA VAL B 83 -7.48 11.09 17.36
C VAL B 83 -8.55 10.00 17.17
N GLU B 84 -8.82 9.66 15.92
CA GLU B 84 -9.74 8.58 15.58
C GLU B 84 -8.98 7.43 14.94
N ALA B 85 -9.53 6.22 15.07
CA ALA B 85 -8.88 5.05 14.48
C ALA B 85 -8.63 5.24 12.99
N GLU B 86 -9.47 6.02 12.32
CA GLU B 86 -9.37 6.25 10.89
C GLU B 86 -8.26 7.21 10.52
N ASP B 87 -7.56 7.78 11.51
CA ASP B 87 -6.45 8.69 11.24
C ASP B 87 -5.15 7.97 10.90
N VAL B 88 -5.16 6.63 10.86
CA VAL B 88 -3.96 5.89 10.51
C VAL B 88 -3.46 6.31 9.13
N GLY B 89 -2.15 6.44 9.00
CA GLY B 89 -1.56 6.81 7.74
C GLY B 89 -0.19 7.40 8.02
N VAL B 90 0.40 7.99 6.98
CA VAL B 90 1.68 8.66 7.08
C VAL B 90 1.47 10.16 6.89
N TYR B 91 2.10 10.96 7.76
CA TYR B 91 1.96 12.40 7.76
C TYR B 91 3.28 13.02 7.31
N TYR B 92 3.22 13.86 6.28
CA TYR B 92 4.40 14.46 5.68
C TYR B 92 4.34 15.97 5.81
N CYS B 93 5.47 16.57 6.16
CA CYS B 93 5.61 18.00 5.95
C CYS B 93 6.28 18.27 4.61
N MET B 94 6.06 19.47 4.10
CA MET B 94 6.61 19.89 2.81
C MET B 94 6.85 21.39 2.88
N GLN B 95 7.97 21.84 2.30
CA GLN B 95 8.19 23.28 2.14
C GLN B 95 7.88 23.67 0.70
N HIS B 96 7.18 24.80 0.56
CA HIS B 96 6.75 25.35 -0.72
C HIS B 96 7.29 26.78 -0.85
N LEU B 97 8.41 27.07 -0.19
CA LEU B 97 9.00 28.40 -0.24
C LEU B 97 9.91 28.55 -1.47
N GLU B 98 10.79 27.59 -1.70
CA GLU B 98 11.84 27.72 -2.70
C GLU B 98 11.95 26.44 -3.52
N TYR B 99 12.23 26.60 -4.81
CA TYR B 99 12.51 25.42 -5.62
C TYR B 99 13.90 24.88 -5.27
N PRO B 100 14.08 23.56 -5.24
CA PRO B 100 13.05 22.53 -5.43
C PRO B 100 12.20 22.38 -4.17
N TYR B 101 10.90 22.24 -4.30
CA TYR B 101 10.11 21.91 -3.12
C TYR B 101 10.57 20.57 -2.58
N THR B 102 10.44 20.40 -1.27
CA THR B 102 11.01 19.22 -0.63
C THR B 102 10.08 18.74 0.48
N PHE B 103 10.08 17.43 0.68
CA PHE B 103 9.23 16.77 1.67
C PHE B 103 10.07 16.20 2.80
N GLY B 104 9.46 16.15 3.99
CA GLY B 104 10.00 15.33 5.06
C GLY B 104 9.82 13.86 4.76
N SER B 105 10.52 13.04 5.53
CA SER B 105 10.53 11.60 5.29
C SER B 105 9.25 10.91 5.75
N GLY B 106 8.38 11.60 6.47
CA GLY B 106 7.09 11.04 6.87
C GLY B 106 7.11 10.49 8.28
N THR B 107 5.96 10.60 8.96
CA THR B 107 5.76 10.04 10.28
C THR B 107 4.48 9.25 10.27
N ARG B 108 4.59 7.95 10.52
CA ARG B 108 3.40 7.12 10.58
C ARG B 108 2.67 7.37 11.89
N LEU B 109 1.35 7.34 11.84
CA LEU B 109 0.55 7.38 13.05
C LEU B 109 0.11 5.96 13.37
N GLU B 110 0.54 5.44 14.51
CA GLU B 110 0.17 4.11 14.98
CA GLU B 110 0.16 4.11 14.97
C GLU B 110 -0.94 4.27 16.01
N ILE B 111 -2.06 3.61 15.76
CA ILE B 111 -3.18 3.68 16.71
C ILE B 111 -2.98 2.62 17.77
N LYS B 112 -2.90 3.05 19.02
CA LYS B 112 -2.82 2.11 20.12
C LYS B 112 -4.20 1.52 20.38
N ARG B 113 -4.25 0.21 20.52
CA ARG B 113 -5.46 -0.48 20.90
C ARG B 113 -5.08 -1.58 21.88
N THR B 114 -6.08 -2.25 22.42
CA THR B 114 -5.81 -3.37 23.30
C THR B 114 -5.00 -4.43 22.56
N VAL B 115 -4.00 -4.98 23.24
CA VAL B 115 -3.23 -6.09 22.67
C VAL B 115 -4.18 -7.23 22.32
N ALA B 116 -3.96 -7.83 21.17
CA ALA B 116 -4.80 -8.93 20.69
C ALA B 116 -3.91 -9.98 20.04
N ALA B 117 -3.97 -11.19 20.54
CA ALA B 117 -3.26 -12.29 19.91
C ALA B 117 -3.92 -12.64 18.58
N PRO B 118 -3.15 -13.12 17.61
CA PRO B 118 -3.75 -13.52 16.33
C PRO B 118 -4.60 -14.77 16.45
N SER B 119 -5.69 -14.79 15.69
CA SER B 119 -6.35 -16.04 15.33
C SER B 119 -5.57 -16.66 14.20
N VAL B 120 -5.15 -17.92 14.37
CA VAL B 120 -4.22 -18.56 13.43
C VAL B 120 -4.96 -19.63 12.64
N PHE B 121 -4.81 -19.59 11.32
CA PHE B 121 -5.43 -20.55 10.43
C PHE B 121 -4.36 -21.11 9.50
N ILE B 122 -4.49 -22.36 9.10
CA ILE B 122 -3.52 -22.99 8.20
C ILE B 122 -4.26 -23.62 7.02
N PHE B 123 -3.68 -23.46 5.83
CA PHE B 123 -4.27 -23.95 4.59
C PHE B 123 -3.28 -24.86 3.88
N PRO B 124 -3.59 -26.13 3.68
CA PRO B 124 -2.77 -26.98 2.82
C PRO B 124 -2.80 -26.47 1.39
N PRO B 125 -1.89 -26.92 0.55
CA PRO B 125 -1.97 -26.60 -0.87
C PRO B 125 -3.25 -27.16 -1.46
N SER B 126 -3.82 -26.42 -2.41
CA SER B 126 -4.99 -26.91 -3.13
C SER B 126 -4.60 -28.06 -4.05
N ASP B 127 -5.56 -28.94 -4.32
CA ASP B 127 -5.34 -29.99 -5.31
C ASP B 127 -5.02 -29.39 -6.68
N GLU B 128 -5.65 -28.27 -7.04
CA GLU B 128 -5.35 -27.62 -8.32
C GLU B 128 -3.89 -27.23 -8.40
N GLN B 129 -3.32 -26.68 -7.33
CA GLN B 129 -1.92 -26.30 -7.38
C GLN B 129 -1.02 -27.52 -7.44
N LEU B 130 -1.35 -28.56 -6.67
CA LEU B 130 -0.54 -29.77 -6.68
C LEU B 130 -0.47 -30.41 -8.06
N LYS B 131 -1.56 -30.33 -8.84
CA LYS B 131 -1.53 -30.83 -10.20
C LYS B 131 -0.53 -30.09 -11.08
N SER B 132 -0.18 -28.84 -10.73
CA SER B 132 0.79 -28.06 -11.49
C SER B 132 2.21 -28.24 -11.01
N GLY B 133 2.44 -29.03 -9.97
CA GLY B 133 3.77 -29.40 -9.56
C GLY B 133 4.39 -28.59 -8.44
N THR B 134 3.63 -27.70 -7.81
CA THR B 134 4.13 -26.87 -6.72
C THR B 134 3.16 -26.98 -5.56
N ALA B 135 3.66 -26.69 -4.36
CA ALA B 135 2.84 -26.73 -3.15
C ALA B 135 3.11 -25.48 -2.35
N SER B 136 2.07 -24.69 -2.11
CA SER B 136 2.14 -23.53 -1.23
C SER B 136 1.29 -23.82 0.00
N VAL B 137 1.91 -23.74 1.17
CA VAL B 137 1.21 -23.88 2.44
C VAL B 137 1.09 -22.49 3.04
N VAL B 138 -0.13 -22.10 3.43
CA VAL B 138 -0.37 -20.73 3.89
C VAL B 138 -0.80 -20.75 5.35
N CYS B 139 -0.15 -19.93 6.16
CA CYS B 139 -0.53 -19.73 7.55
C CYS B 139 -0.99 -18.30 7.70
N LEU B 140 -2.21 -18.11 8.20
CA LEU B 140 -2.79 -16.79 8.36
C LEU B 140 -2.85 -16.43 9.83
N LEU B 141 -2.31 -15.26 10.18
CA LEU B 141 -2.39 -14.68 11.51
C LEU B 141 -3.31 -13.49 11.39
N ASN B 142 -4.53 -13.59 11.95
CA ASN B 142 -5.54 -12.60 11.66
C ASN B 142 -5.81 -11.67 12.85
N ASN B 143 -5.87 -10.37 12.57
CA ASN B 143 -6.48 -9.37 13.45
C ASN B 143 -5.78 -9.30 14.81
N PHE B 144 -4.49 -9.00 14.77
CA PHE B 144 -3.69 -8.97 15.98
C PHE B 144 -3.10 -7.58 16.20
N TYR B 145 -2.59 -7.37 17.40
CA TYR B 145 -1.96 -6.12 17.78
C TYR B 145 -1.06 -6.39 18.99
N PRO B 146 0.18 -5.90 19.02
CA PRO B 146 0.85 -5.04 18.02
C PRO B 146 1.34 -5.80 16.81
N ARG B 147 2.02 -5.05 15.93
CA ARG B 147 2.42 -5.55 14.62
C ARG B 147 3.41 -6.71 14.71
N GLU B 148 4.26 -6.73 15.74
CA GLU B 148 5.35 -7.71 15.80
C GLU B 148 4.80 -9.11 16.03
N ALA B 149 5.11 -10.04 15.11
CA ALA B 149 4.63 -11.41 15.21
C ALA B 149 5.63 -12.28 14.47
N LYS B 150 6.06 -13.37 15.09
CA LYS B 150 7.02 -14.26 14.47
C LYS B 150 6.35 -15.58 14.10
N VAL B 151 6.66 -16.06 12.90
CA VAL B 151 6.15 -17.32 12.39
C VAL B 151 7.32 -18.22 12.06
N GLN B 152 7.29 -19.44 12.60
CA GLN B 152 8.27 -20.46 12.26
C GLN B 152 7.54 -21.67 11.71
N TRP B 153 8.10 -22.27 10.66
CA TRP B 153 7.52 -23.45 10.06
C TRP B 153 8.27 -24.68 10.50
N LYS B 154 7.53 -25.75 10.79
CA LYS B 154 8.11 -27.05 11.11
C LYS B 154 7.45 -28.07 10.19
N VAL B 155 8.27 -28.81 9.47
CA VAL B 155 7.82 -29.92 8.62
C VAL B 155 8.39 -31.20 9.22
N ASP B 156 7.49 -32.13 9.58
CA ASP B 156 7.91 -33.34 10.29
C ASP B 156 8.78 -33.01 11.49
N ASN B 157 8.42 -31.92 12.17
CA ASN B 157 9.07 -31.39 13.37
C ASN B 157 10.47 -30.88 13.13
N ALA B 158 10.89 -30.70 11.88
CA ALA B 158 12.13 -30.05 11.55
C ALA B 158 11.86 -28.59 11.27
N LEU B 159 12.54 -27.70 11.99
CA LEU B 159 12.36 -26.26 11.79
C LEU B 159 12.87 -25.87 10.42
N GLN B 160 12.06 -25.14 9.67
CA GLN B 160 12.39 -24.74 8.32
C GLN B 160 13.20 -23.45 8.31
N SER B 161 14.03 -23.31 7.28
CA SER B 161 14.80 -22.10 7.07
C SER B 161 14.83 -21.83 5.57
N GLY B 162 14.57 -20.59 5.18
CA GLY B 162 14.85 -20.16 3.84
C GLY B 162 13.75 -20.33 2.82
N ASN B 163 12.61 -20.92 3.19
CA ASN B 163 11.58 -21.28 2.23
C ASN B 163 10.21 -20.66 2.55
N SER B 164 10.16 -19.63 3.39
CA SER B 164 8.90 -18.96 3.65
C SER B 164 9.01 -17.48 3.32
N GLN B 165 7.83 -16.85 3.20
CA GLN B 165 7.75 -15.44 2.86
C GLN B 165 6.49 -14.89 3.51
N GLU B 166 6.61 -13.73 4.14
CA GLU B 166 5.51 -13.14 4.90
C GLU B 166 5.09 -11.82 4.31
N SER B 167 3.79 -11.54 4.44
CA SER B 167 3.21 -10.27 4.06
C SER B 167 2.33 -9.79 5.19
N VAL B 168 2.34 -8.49 5.45
CA VAL B 168 1.60 -7.88 6.56
CA VAL B 168 1.56 -7.92 6.55
C VAL B 168 0.72 -6.77 6.01
N THR B 169 -0.51 -6.67 6.49
CA THR B 169 -1.37 -5.58 6.07
C THR B 169 -1.03 -4.31 6.84
N GLU B 170 -1.48 -3.18 6.30
CA GLU B 170 -1.44 -1.93 7.04
C GLU B 170 -2.46 -1.98 8.17
N GLN B 171 -2.24 -1.15 9.18
CA GLN B 171 -3.13 -1.13 10.33
C GLN B 171 -4.56 -0.81 9.89
N ASP B 172 -5.50 -1.64 10.30
CA ASP B 172 -6.89 -1.46 9.88
C ASP B 172 -7.45 -0.13 10.40
N SER B 173 -8.15 0.59 9.50
CA SER B 173 -8.67 1.92 9.83
C SER B 173 -9.89 1.87 10.75
N LYS B 174 -10.48 0.70 10.92
CA LYS B 174 -11.63 0.52 11.80
C LYS B 174 -11.27 -0.11 13.14
N ASP B 175 -10.58 -1.26 13.13
CA ASP B 175 -10.30 -1.99 14.37
C ASP B 175 -8.84 -1.92 14.81
N SER B 176 -7.98 -1.25 14.04
CA SER B 176 -6.61 -0.97 14.45
C SER B 176 -5.74 -2.21 14.59
N THR B 177 -6.13 -3.32 13.94
CA THR B 177 -5.33 -4.53 13.97
C THR B 177 -4.51 -4.67 12.70
N TYR B 178 -3.61 -5.65 12.73
CA TYR B 178 -2.86 -6.12 11.58
C TYR B 178 -3.20 -7.58 11.30
N SER B 179 -2.95 -8.00 10.07
CA SER B 179 -2.98 -9.40 9.72
C SER B 179 -1.71 -9.74 8.96
N LEU B 180 -1.32 -11.00 9.01
CA LEU B 180 -0.09 -11.47 8.40
C LEU B 180 -0.32 -12.82 7.74
N SER B 181 0.26 -13.01 6.56
CA SER B 181 0.31 -14.30 5.91
C SER B 181 1.76 -14.75 5.83
N SER B 182 1.98 -16.04 6.07
CA SER B 182 3.26 -16.67 5.82
C SER B 182 3.02 -17.82 4.86
N THR B 183 3.78 -17.86 3.78
CA THR B 183 3.61 -18.89 2.75
C THR B 183 4.89 -19.72 2.68
N LEU B 184 4.75 -21.02 2.84
CA LEU B 184 5.85 -21.96 2.73
C LEU B 184 5.75 -22.59 1.34
N THR B 185 6.81 -22.50 0.55
CA THR B 185 6.78 -22.96 -0.84
C THR B 185 7.69 -24.17 -1.00
N LEU B 186 7.12 -25.27 -1.48
CA LEU B 186 7.89 -26.47 -1.80
C LEU B 186 7.41 -27.00 -3.14
N SER B 187 8.24 -27.83 -3.76
CA SER B 187 7.77 -28.57 -4.92
C SER B 187 6.75 -29.61 -4.48
N LYS B 188 5.93 -30.06 -5.43
CA LYS B 188 5.00 -31.15 -5.15
C LYS B 188 5.76 -32.38 -4.67
N ALA B 189 6.86 -32.72 -5.33
CA ALA B 189 7.62 -33.91 -4.95
C ALA B 189 8.14 -33.78 -3.52
N ASP B 190 8.78 -32.65 -3.21
CA ASP B 190 9.27 -32.44 -1.85
C ASP B 190 8.11 -32.42 -0.85
N TYR B 191 6.97 -31.85 -1.24
CA TYR B 191 5.81 -31.79 -0.34
C TYR B 191 5.28 -33.17 0.01
N GLU B 192 5.29 -34.10 -0.95
CA GLU B 192 4.76 -35.44 -0.70
C GLU B 192 5.72 -36.31 0.10
N LYS B 193 6.97 -35.88 0.28
CA LYS B 193 7.92 -36.63 1.09
C LYS B 193 7.73 -36.40 2.58
N HIS B 194 6.65 -35.72 3.00
CA HIS B 194 6.49 -35.34 4.40
C HIS B 194 5.01 -35.36 4.76
N LYS B 195 4.74 -35.56 6.06
CA LYS B 195 3.37 -35.72 6.51
C LYS B 195 2.84 -34.57 7.36
N VAL B 196 3.67 -33.97 8.20
CA VAL B 196 3.18 -33.02 9.20
C VAL B 196 3.68 -31.63 8.85
N TYR B 197 2.75 -30.69 8.66
CA TYR B 197 3.05 -29.31 8.37
C TYR B 197 2.51 -28.44 9.49
N ALA B 198 3.37 -27.62 10.08
CA ALA B 198 2.97 -26.81 11.22
C ALA B 198 3.57 -25.41 11.12
N CYS B 199 2.76 -24.40 11.44
CA CYS B 199 3.26 -23.06 11.67
C CYS B 199 3.11 -22.73 13.15
N GLU B 200 4.17 -22.15 13.71
CA GLU B 200 4.27 -21.84 15.13
C GLU B 200 4.38 -20.32 15.25
N VAL B 201 3.52 -19.73 16.06
CA VAL B 201 3.31 -18.29 16.10
C VAL B 201 3.66 -17.77 17.48
N THR B 202 4.51 -16.76 17.53
CA THR B 202 4.89 -16.04 18.75
CA THR B 202 4.81 -16.06 18.77
C THR B 202 4.37 -14.62 18.66
N HIS B 203 3.77 -14.13 19.74
CA HIS B 203 3.21 -12.79 19.76
C HIS B 203 3.04 -12.39 21.22
N GLN B 204 3.14 -11.08 21.46
CA GLN B 204 3.04 -10.53 22.82
C GLN B 204 1.75 -10.96 23.53
N GLY B 205 0.66 -11.11 22.77
CA GLY B 205 -0.61 -11.52 23.34
C GLY B 205 -0.71 -12.99 23.71
N LEU B 206 0.33 -13.77 23.45
CA LEU B 206 0.35 -15.19 23.75
C LEU B 206 1.34 -15.47 24.88
N SER B 207 0.94 -16.32 25.83
CA SER B 207 1.84 -16.70 26.90
C SER B 207 2.87 -17.72 26.44
N SER B 208 2.49 -18.60 25.52
CA SER B 208 3.38 -19.56 24.89
C SER B 208 3.01 -19.64 23.41
N PRO B 209 3.94 -20.10 22.56
CA PRO B 209 3.65 -20.16 21.12
C PRO B 209 2.42 -20.99 20.80
N VAL B 210 1.66 -20.53 19.79
CA VAL B 210 0.50 -21.23 19.26
C VAL B 210 0.93 -21.96 17.99
N THR B 211 0.55 -23.23 17.86
CA THR B 211 0.85 -24.01 16.69
C THR B 211 -0.44 -24.44 16.02
N LYS B 212 -0.53 -24.25 14.71
CA LYS B 212 -1.57 -24.85 13.89
C LYS B 212 -0.91 -25.78 12.90
N SER B 213 -1.50 -26.95 12.69
CA SER B 213 -0.85 -27.94 11.86
C SER B 213 -1.92 -28.75 11.13
N PHE B 214 -1.48 -29.45 10.10
CA PHE B 214 -2.31 -30.46 9.46
C PHE B 214 -1.42 -31.61 9.08
N ASN B 215 -2.05 -32.75 8.83
CA ASN B 215 -1.36 -33.95 8.36
C ASN B 215 -1.74 -34.13 6.90
N ARG B 216 -0.74 -34.38 6.06
CA ARG B 216 -1.00 -34.50 4.63
C ARG B 216 -1.89 -35.73 4.39
N GLY B 217 -3.01 -35.51 3.71
CA GLY B 217 -4.00 -36.53 3.52
C GLY B 217 -5.27 -36.39 4.37
N GLU B 218 -5.53 -35.21 4.94
CA GLU B 218 -6.69 -34.99 5.81
C GLU B 218 -6.75 -36.00 6.96
C1 EDO C . 2.11 19.89 -3.25
O1 EDO C . 2.19 21.21 -3.74
C2 EDO C . 2.24 18.93 -4.39
O2 EDO C . 3.52 19.02 -4.99
C1 EDO D . -22.56 -21.64 -7.01
O1 EDO D . -22.21 -22.03 -5.69
C2 EDO D . -22.56 -22.86 -7.90
O2 EDO D . -21.44 -23.66 -7.61
C1 EDO E . 1.49 -15.37 -1.21
O1 EDO E . 0.71 -15.73 -0.09
C2 EDO E . 2.88 -15.04 -0.75
O2 EDO E . 2.85 -13.88 0.06
C1 EDO F . -0.05 32.15 -0.96
O1 EDO F . 1.15 32.46 -1.65
C2 EDO F . -0.99 33.33 -0.97
O2 EDO F . -0.58 34.31 -0.04
N HIS G . 11.79 32.06 -4.74
CA HIS G . 11.63 30.73 -5.31
C HIS G . 13.00 30.13 -5.68
O HIS G . 14.02 30.82 -5.73
CB HIS G . 10.72 30.76 -6.54
CG HIS G . 9.26 30.69 -6.21
ND1 HIS G . 8.69 29.57 -5.63
CD2 HIS G . 8.25 31.58 -6.39
CE1 HIS G . 7.40 29.78 -5.46
NE2 HIS G . 7.10 30.99 -5.92
OXT HIS G . 13.09 28.93 -5.94
C1 EDO H . 5.80 32.88 -2.13
O1 EDO H . 5.30 34.09 -2.67
C2 EDO H . 5.16 31.69 -2.81
O2 EDO H . 6.08 30.63 -2.86
C1 EDO I . 2.77 28.60 -2.51
O1 EDO I . 3.87 28.93 -3.35
C2 EDO I . 1.63 28.00 -3.29
O2 EDO I . 1.30 26.69 -2.85
N1 A1IKZ J . -6.44 26.42 1.11
C7 A1IKZ J . -2.56 31.06 -4.14
C8 A1IKZ J . -2.67 29.55 -3.88
N2 A1IKZ J . -8.56 26.97 2.01
C9 A1IKZ J . -2.94 26.40 -1.63
O1 A1IKZ J . -0.95 27.65 -6.73
C1 A1IKZ J . -6.94 30.33 -5.61
O5 A1IKZ J . -3.40 27.75 -1.47
C5 A1IKZ J . -1.89 27.79 -5.67
C6 A1IKZ J . -0.77 30.08 -5.17
N3 A1IKZ J . -9.22 29.15 2.20
C4 A1IKZ J . -2.04 29.24 -5.24
O4 A1IKZ J . -3.38 30.15 -0.96
C3 A1IKZ J . -3.29 31.16 -5.48
O3 A1IKZ J . -1.86 29.16 -2.74
C2 A1IKZ J . -5.60 30.24 -5.68
N4 A1IKZ J . -13.83 29.67 -3.05
N A1IKZ J . -4.75 31.29 -5.39
C A1IKZ J . -7.85 29.18 -5.93
O A1IKZ J . -2.96 29.93 -6.12
C10 A1IKZ J . -3.91 25.48 -0.94
C11 A1IKZ J . -3.60 24.00 -0.75
C12 A1IKZ J . -5.81 24.50 -0.43
C13 A1IKZ J . -5.46 25.38 0.77
C14 A1IKZ J . -6.17 27.75 0.93
C15 A1IKZ J . -7.05 28.72 1.27
C16 A1IKZ J . -6.78 30.18 1.08
C17 A1IKZ J . -8.29 28.26 1.84
C18 A1IKZ J . -7.64 26.01 1.67
C19 A1IKZ J . -5.31 25.39 -1.54
C20 A1IKZ J . -8.25 24.32 -3.05
C21 A1IKZ J . -9.46 24.85 -2.34
C22 A1IKZ J . -10.51 23.92 -1.74
C23 A1IKZ J . -11.24 26.10 -1.98
C24 A1IKZ J . -10.35 25.76 -3.19
C25 A1IKZ J . -14.04 25.53 -4.23
C26 A1IKZ J . -14.99 26.53 -3.61
C27 A1IKZ J . -14.88 28.69 -2.70
C28 A1IKZ J . -16.04 28.64 -3.68
C29 A1IKZ J . -15.67 27.47 -4.59
C30 A1IKZ J . -12.77 29.34 -3.86
C31 A1IKZ J . -11.83 30.24 -4.18
C32 A1IKZ J . -11.98 31.56 -3.66
C33 A1IKZ J . -13.97 30.97 -2.55
C34 A1IKZ J . -10.17 26.62 -1.02
C35 A1IKZ J . -8.59 28.37 -1.92
C36 A1IKZ J . -9.51 30.18 -1.30
C37 A1IKZ J . -9.92 31.50 -1.01
C38 A1IKZ J . -11.76 30.57 0.06
C39 A1IKZ J . -10.33 29.15 -0.85
C40 A1IKZ J . -5.24 32.52 -5.01
C41 A1IKZ J . -7.52 31.59 -5.21
N10 A1IKZ J . -11.08 31.66 -0.31
N11 A1IKZ J . -11.46 29.28 -0.16
N12 A1IKZ J . -6.61 32.60 -4.94
N5 A1IKZ J . -13.02 31.89 -2.88
N6 A1IKZ J . -11.08 32.50 -3.94
N7 A1IKZ J . -9.73 27.99 -1.28
N8 A1IKZ J . -8.42 29.67 -1.98
N9 A1IKZ J . -9.24 32.59 -1.38
O10 A1IKZ J . -6.05 24.16 -5.13
O11 A1IKZ J . -7.48 25.43 -3.53
O12 A1IKZ J . -11.61 24.82 -1.45
O13 A1IKZ J . -11.09 24.92 -4.14
O14 A1IKZ J . -12.16 24.28 -6.32
O15 A1IKZ J . -13.00 26.23 -4.96
O16 A1IKZ J . -14.29 27.39 -2.70
O17 A1IKZ J . -16.84 26.86 -5.14
O18 A1IKZ J . -14.93 31.23 -1.84
O19 A1IKZ J . -9.06 25.76 -1.28
O2 A1IKZ J . -1.17 31.25 -4.43
O20 A1IKZ J . -4.52 33.47 -4.74
O21 A1IKZ J . -8.73 31.81 -5.11
O6 A1IKZ J . -4.85 23.42 -0.38
O7 A1IKZ J . -4.24 26.00 0.38
O8 A1IKZ J . -7.85 24.81 1.84
O9 A1IKZ J . -5.28 24.67 -2.80
P A1IKZ J . -2.48 29.00 -1.30
P1 A1IKZ J . -6.03 25.22 -4.08
P2 A1IKZ J . -11.73 25.45 -5.48
S A1IKZ J . -0.88 28.50 -0.19
S1 A1IKZ J . -5.35 26.97 -4.59
S2 A1IKZ J . -10.60 26.80 -6.32
#